data_1DJE
#
_entry.id   1DJE
#
_cell.length_a   58.870
_cell.length_b   58.870
_cell.length_c   200.800
_cell.angle_alpha   90.00
_cell.angle_beta   90.00
_cell.angle_gamma   120.00
#
_symmetry.space_group_name_H-M   'P 31 1 2'
#
loop_
_entity.id
_entity.type
_entity.pdbx_description
1 polymer '8-AMINO-7-OXONANOATE SYNTHASE'
2 non-polymer 'SULFATE ION'
3 non-polymer "PYRIDOXAL-5'-PHOSPHATE"
4 water water
#
_entity_poly.entity_id   1
_entity_poly.type   'polypeptide(L)'
_entity_poly.pdbx_seq_one_letter_code
;MSWQEKINAALDARGAADALRRRYPVAQGAGRWLVADDRQYLNFSSNDYLGLSHHPQIIRAWQQGAEQFGIGSGGSGHVS
GYSVVHQALEEELAEWLGYSRALLFISGFAANQAVIAAMMAKEDRIAADRLSHASLLEAASLSPSQLRRFAHNDVTHLAR
LLASPCPGQQMVVTEGVFSMDGDSAPLAEIQQVTQQHNGWLMVDDAHGTGVIGEQGRGSCWLQKVKPELLVVTFGKGFGV
SGAAVLCSSTVADYLLQFARHLIYSTSMPPAQAQALRASLAVIRSDEGDARREKLAALITRFRAGVQDLPFTLADSCSAI
QPLIVGDNSRALQLAEKLRQQGCWVTGIRPPTVPAGIARLRLTLTAAHEMQDIDRLLEVLHGNG
;
_entity_poly.pdbx_strand_id   A
#
# COMPACT_ATOMS: atom_id res chain seq x y z
N SER A 2 4.31 15.77 34.53
CA SER A 2 3.31 16.61 33.92
C SER A 2 3.15 16.25 32.45
N TRP A 3 2.25 16.93 31.75
CA TRP A 3 2.02 16.57 30.36
C TRP A 3 3.20 16.95 29.49
N GLN A 4 3.60 18.22 29.65
CA GLN A 4 4.69 18.75 28.85
C GLN A 4 5.97 17.95 29.00
N GLU A 5 6.29 17.56 30.24
CA GLU A 5 7.48 16.71 30.42
C GLU A 5 7.29 15.37 29.75
N LYS A 6 6.05 14.86 29.82
CA LYS A 6 5.85 13.60 29.08
C LYS A 6 6.11 13.87 27.60
N ILE A 7 5.61 14.97 27.05
CA ILE A 7 5.80 15.26 25.62
C ILE A 7 7.31 15.33 25.34
N ASN A 8 7.96 16.27 26.02
CA ASN A 8 9.37 16.58 25.82
C ASN A 8 10.26 15.35 25.86
N ALA A 9 10.13 14.57 26.92
CA ALA A 9 10.98 13.40 27.06
C ALA A 9 10.78 12.47 25.88
N ALA A 10 9.53 12.35 25.42
CA ALA A 10 9.31 11.42 24.31
C ALA A 10 10.07 11.91 23.07
N LEU A 11 10.07 13.21 22.82
CA LEU A 11 10.71 13.71 21.60
C LEU A 11 12.23 13.53 21.74
N ASP A 12 12.69 13.62 22.98
CA ASP A 12 14.11 13.44 23.30
C ASP A 12 14.51 11.99 23.09
N ALA A 13 13.68 11.02 23.44
CA ALA A 13 14.09 9.63 23.24
C ALA A 13 14.16 9.26 21.75
N ARG A 14 13.22 9.87 21.03
CA ARG A 14 13.15 9.67 19.58
C ARG A 14 14.40 10.27 18.94
N GLY A 15 14.78 11.46 19.43
CA GLY A 15 16.00 12.05 18.94
C GLY A 15 17.18 11.13 19.23
N ALA A 16 17.32 10.71 20.49
CA ALA A 16 18.48 9.90 20.82
C ALA A 16 18.59 8.64 19.99
N ALA A 17 17.47 8.07 19.57
CA ALA A 17 17.54 6.85 18.77
C ALA A 17 17.77 7.20 17.29
N ASP A 18 17.96 8.48 17.06
CA ASP A 18 18.17 9.28 15.88
C ASP A 18 16.81 9.74 15.30
N ALA A 19 15.97 8.76 15.19
CA ALA A 19 14.65 8.51 14.68
C ALA A 19 13.77 9.72 14.41
N LEU A 20 14.25 10.94 14.32
CA LEU A 20 13.48 12.15 14.04
C LEU A 20 13.04 12.30 12.59
N ARG A 21 11.75 12.52 12.36
CA ARG A 21 11.09 12.70 11.09
C ARG A 21 10.74 14.13 10.69
N ARG A 22 11.07 14.60 9.48
CA ARG A 22 10.67 15.96 9.12
C ARG A 22 10.17 16.01 7.67
N ARG A 23 8.92 16.47 7.54
CA ARG A 23 8.21 16.58 6.28
C ARG A 23 8.88 17.65 5.41
N TYR A 24 8.99 17.42 4.11
CA TYR A 24 9.46 18.46 3.20
C TYR A 24 8.34 18.82 2.23
N PRO A 25 7.97 20.08 2.09
CA PRO A 25 6.89 20.47 1.17
C PRO A 25 7.28 20.44 -0.30
N VAL A 26 6.37 19.89 -1.09
CA VAL A 26 6.66 19.84 -2.52
C VAL A 26 5.55 20.53 -3.29
N ALA A 27 5.93 21.03 -4.47
CA ALA A 27 4.95 21.63 -5.36
C ALA A 27 4.31 20.53 -6.16
N GLN A 28 5.05 19.46 -6.44
CA GLN A 28 4.57 18.22 -7.03
C GLN A 28 5.26 17.00 -6.41
N GLY A 29 4.46 15.98 -6.09
CA GLY A 29 5.05 14.80 -5.46
C GLY A 29 4.67 13.47 -6.05
N ALA A 30 3.82 13.47 -7.09
CA ALA A 30 3.34 12.21 -7.63
C ALA A 30 3.72 11.98 -9.09
N GLY A 31 4.33 10.83 -9.37
CA GLY A 31 4.54 10.49 -10.78
C GLY A 31 6.00 10.67 -11.16
N ARG A 32 6.25 11.06 -12.40
CA ARG A 32 7.61 11.10 -12.93
C ARG A 32 8.48 12.16 -12.30
N TRP A 33 7.91 13.32 -12.00
CA TRP A 33 8.63 14.45 -11.42
C TRP A 33 8.30 14.73 -9.97
N LEU A 34 9.30 15.35 -9.35
CA LEU A 34 9.09 15.93 -8.03
C LEU A 34 9.61 17.37 -8.09
N VAL A 35 8.81 18.31 -7.61
CA VAL A 35 9.23 19.73 -7.64
C VAL A 35 9.31 20.20 -6.19
N ALA A 36 10.52 20.57 -5.75
CA ALA A 36 10.72 21.07 -4.39
C ALA A 36 11.55 22.37 -4.44
N ASP A 37 11.22 23.38 -3.63
CA ASP A 37 12.05 24.58 -3.60
C ASP A 37 12.22 25.15 -5.00
N ASP A 38 11.20 25.01 -5.81
CA ASP A 38 11.10 25.25 -7.22
C ASP A 38 12.08 24.47 -8.09
N ARG A 39 12.70 23.39 -7.61
CA ARG A 39 13.59 22.69 -8.56
C ARG A 39 12.94 21.39 -9.00
N GLN A 40 13.14 21.02 -10.25
CA GLN A 40 12.62 19.80 -10.83
C GLN A 40 13.60 18.65 -10.59
N TYR A 41 13.01 17.51 -10.22
CA TYR A 41 13.81 16.34 -9.96
C TYR A 41 13.14 15.11 -10.56
N LEU A 42 13.89 14.09 -10.99
CA LEU A 42 13.24 12.82 -11.29
C LEU A 42 12.81 12.22 -9.93
N ASN A 43 11.59 11.69 -9.87
CA ASN A 43 10.92 11.31 -8.65
C ASN A 43 10.97 9.81 -8.49
N PHE A 44 11.83 9.38 -7.56
CA PHE A 44 11.88 7.92 -7.35
C PHE A 44 11.39 7.58 -5.93
N SER A 45 10.48 8.41 -5.43
CA SER A 45 9.96 8.28 -4.06
C SER A 45 8.44 8.24 -4.01
N SER A 46 7.69 8.25 -5.09
CA SER A 46 6.22 8.29 -4.93
C SER A 46 5.58 6.92 -5.14
N ASN A 47 4.33 6.74 -4.76
CA ASN A 47 3.62 5.47 -4.91
C ASN A 47 2.69 5.48 -6.12
N ASP A 48 2.89 6.47 -7.01
CA ASP A 48 2.02 6.61 -8.18
C ASP A 48 2.40 5.60 -9.25
N TYR A 49 2.39 4.32 -8.91
CA TYR A 49 3.01 3.31 -9.75
C TYR A 49 2.57 3.24 -11.22
N LEU A 50 1.36 3.63 -11.58
CA LEU A 50 0.93 3.50 -12.99
C LEU A 50 0.86 4.88 -13.68
N GLY A 51 1.29 5.90 -12.95
CA GLY A 51 1.27 7.27 -13.46
C GLY A 51 -0.11 7.87 -13.56
N LEU A 52 -1.09 7.33 -12.87
CA LEU A 52 -2.48 7.76 -12.98
C LEU A 52 -2.80 9.04 -12.22
N SER A 53 -1.96 9.50 -11.29
CA SER A 53 -2.35 10.73 -10.56
C SER A 53 -2.59 11.92 -11.51
N HIS A 54 -1.92 11.89 -12.66
CA HIS A 54 -1.98 13.04 -13.58
C HIS A 54 -2.73 12.67 -14.84
N HIS A 55 -3.46 11.56 -14.81
CA HIS A 55 -4.15 11.05 -15.99
C HIS A 55 -5.34 11.93 -16.33
N PRO A 56 -5.45 12.32 -17.59
CA PRO A 56 -6.48 13.32 -17.96
C PRO A 56 -7.87 12.79 -17.82
N GLN A 57 -8.10 11.49 -17.96
CA GLN A 57 -9.46 11.00 -17.76
C GLN A 57 -9.87 11.07 -16.28
N ILE A 58 -8.91 10.81 -15.41
CA ILE A 58 -9.22 10.82 -13.98
C ILE A 58 -9.43 12.24 -13.49
N ILE A 59 -8.57 13.11 -14.02
CA ILE A 59 -8.73 14.53 -13.71
C ILE A 59 -10.10 15.00 -14.17
N ARG A 60 -10.55 14.58 -15.36
CA ARG A 60 -11.83 15.13 -15.77
C ARG A 60 -13.00 14.58 -14.96
N ALA A 61 -12.95 13.32 -14.54
CA ALA A 61 -14.02 12.72 -13.75
C ALA A 61 -14.13 13.45 -12.41
N TRP A 62 -12.98 13.86 -11.89
CA TRP A 62 -12.95 14.55 -10.58
C TRP A 62 -13.58 15.92 -10.74
N GLN A 63 -13.26 16.55 -11.88
CA GLN A 63 -13.80 17.87 -12.18
C GLN A 63 -15.27 17.81 -12.49
N GLN A 64 -15.72 16.94 -13.41
CA GLN A 64 -17.15 16.90 -13.69
C GLN A 64 -17.98 16.43 -12.50
N GLY A 65 -17.43 15.50 -11.72
CA GLY A 65 -18.17 15.03 -10.55
C GLY A 65 -18.51 16.16 -9.61
N ALA A 66 -17.64 17.19 -9.56
CA ALA A 66 -17.97 18.30 -8.67
C ALA A 66 -19.11 19.15 -9.23
N GLU A 67 -19.18 19.18 -10.56
CA GLU A 67 -20.22 19.96 -11.22
C GLU A 67 -21.55 19.29 -10.95
N GLN A 68 -21.56 17.97 -11.08
CA GLN A 68 -22.77 17.19 -10.90
C GLN A 68 -23.22 17.03 -9.45
N PHE A 69 -22.32 16.80 -8.50
CA PHE A 69 -22.68 16.51 -7.11
C PHE A 69 -22.25 17.50 -6.07
N GLY A 70 -21.67 18.64 -6.42
CA GLY A 70 -21.09 19.50 -5.37
C GLY A 70 -19.88 18.75 -4.81
N ILE A 71 -19.38 19.08 -3.61
CA ILE A 71 -18.17 18.45 -3.09
C ILE A 71 -18.51 17.49 -1.96
N GLY A 72 -18.74 18.00 -0.74
CA GLY A 72 -19.00 17.04 0.34
C GLY A 72 -20.25 16.22 0.12
N SER A 73 -20.24 14.96 0.55
CA SER A 73 -21.38 14.08 0.53
C SER A 73 -22.48 14.54 1.49
N GLY A 74 -22.14 15.27 2.53
CA GLY A 74 -23.18 15.69 3.46
C GLY A 74 -23.38 14.78 4.64
N GLY A 75 -22.68 13.64 4.73
CA GLY A 75 -22.98 12.81 5.90
C GLY A 75 -22.35 11.45 5.83
N SER A 76 -22.65 10.64 6.84
CA SER A 76 -22.22 9.25 6.76
C SER A 76 -23.04 8.48 5.74
N GLY A 77 -22.49 7.33 5.33
CA GLY A 77 -23.20 6.44 4.42
C GLY A 77 -24.45 5.90 5.08
N HIS A 78 -24.56 5.99 6.41
CA HIS A 78 -25.74 5.43 7.07
C HIS A 78 -26.86 6.46 7.21
N VAL A 79 -26.61 7.69 6.76
CA VAL A 79 -27.65 8.73 6.79
C VAL A 79 -27.76 9.29 5.38
N SER A 80 -27.43 10.53 5.09
CA SER A 80 -27.62 10.97 3.70
C SER A 80 -26.38 10.92 2.82
N GLY A 81 -25.29 10.31 3.28
CA GLY A 81 -24.05 10.29 2.51
C GLY A 81 -23.75 9.07 1.68
N TYR A 82 -24.71 8.24 1.30
CA TYR A 82 -24.41 7.09 0.43
C TYR A 82 -24.92 7.41 -0.96
N SER A 83 -23.98 7.86 -1.78
CA SER A 83 -24.29 8.34 -3.13
C SER A 83 -24.47 7.18 -4.10
N VAL A 84 -25.33 7.32 -5.11
CA VAL A 84 -25.35 6.38 -6.21
C VAL A 84 -23.98 6.17 -6.85
N VAL A 85 -23.09 7.15 -6.77
CA VAL A 85 -21.71 6.96 -7.25
C VAL A 85 -20.90 6.03 -6.35
N HIS A 86 -21.08 6.14 -5.02
CA HIS A 86 -20.41 5.21 -4.10
C HIS A 86 -20.89 3.79 -4.40
N GLN A 87 -22.21 3.63 -4.47
CA GLN A 87 -22.77 2.31 -4.78
C GLN A 87 -22.25 1.74 -6.08
N ALA A 88 -22.18 2.54 -7.13
CA ALA A 88 -21.67 2.02 -8.40
C ALA A 88 -20.21 1.60 -8.28
N LEU A 89 -19.44 2.42 -7.58
CA LEU A 89 -18.01 2.13 -7.44
C LEU A 89 -17.82 0.81 -6.71
N GLU A 90 -18.55 0.64 -5.61
CA GLU A 90 -18.50 -0.63 -4.87
C GLU A 90 -18.83 -1.81 -5.77
N GLU A 91 -19.93 -1.73 -6.52
CA GLU A 91 -20.35 -2.82 -7.41
C GLU A 91 -19.32 -3.13 -8.49
N GLU A 92 -18.71 -2.10 -9.04
CA GLU A 92 -17.65 -2.31 -10.05
C GLU A 92 -16.40 -2.91 -9.42
N LEU A 93 -16.08 -2.58 -8.17
CA LEU A 93 -14.91 -3.19 -7.53
C LEU A 93 -15.14 -4.65 -7.20
N ALA A 94 -16.32 -4.98 -6.68
CA ALA A 94 -16.65 -6.37 -6.36
C ALA A 94 -16.65 -7.24 -7.61
N GLU A 95 -17.19 -6.73 -8.71
CA GLU A 95 -17.24 -7.48 -9.95
C GLU A 95 -15.84 -7.72 -10.51
N TRP A 96 -15.04 -6.68 -10.54
CA TRP A 96 -13.61 -6.70 -10.93
C TRP A 96 -12.83 -7.77 -10.20
N LEU A 97 -12.97 -7.81 -8.89
CA LEU A 97 -12.10 -8.67 -8.05
C LEU A 97 -12.74 -10.00 -7.74
N GLY A 98 -13.99 -10.21 -8.10
CA GLY A 98 -14.67 -11.49 -7.97
C GLY A 98 -15.27 -11.76 -6.61
N TYR A 99 -15.71 -10.69 -5.95
CA TYR A 99 -16.35 -10.81 -4.64
C TYR A 99 -17.83 -10.44 -4.66
N SER A 100 -18.48 -10.82 -3.55
CA SER A 100 -19.91 -10.51 -3.53
C SER A 100 -20.11 -9.03 -3.29
N ARG A 101 -19.37 -8.47 -2.35
CA ARG A 101 -19.62 -7.09 -1.88
C ARG A 101 -18.30 -6.32 -1.82
N ALA A 102 -18.37 -5.01 -1.99
CA ALA A 102 -17.28 -4.12 -1.64
C ALA A 102 -17.83 -2.97 -0.78
N LEU A 103 -17.04 -2.52 0.17
CA LEU A 103 -17.41 -1.38 1.02
C LEU A 103 -16.32 -0.31 0.94
N LEU A 104 -16.65 0.93 0.64
CA LEU A 104 -15.67 2.02 0.60
C LEU A 104 -15.28 2.59 1.95
N PHE A 105 -14.03 2.96 2.09
CA PHE A 105 -13.44 3.60 3.23
C PHE A 105 -12.64 4.83 2.77
N ILE A 106 -12.46 5.78 3.68
CA ILE A 106 -11.78 7.01 3.33
C ILE A 106 -10.26 6.84 3.23
N SER A 107 -9.70 5.76 3.77
CA SER A 107 -8.28 5.46 3.67
C SER A 107 -8.09 3.96 3.95
N GLY A 108 -6.94 3.45 3.51
CA GLY A 108 -6.63 2.02 3.68
C GLY A 108 -6.33 1.78 5.17
N PHE A 109 -5.66 2.74 5.76
CA PHE A 109 -5.39 2.71 7.20
C PHE A 109 -6.69 2.62 7.97
N ALA A 110 -7.69 3.46 7.72
CA ALA A 110 -9.03 3.24 8.28
C ALA A 110 -9.69 1.91 7.98
N ALA A 111 -9.60 1.37 6.77
CA ALA A 111 -10.26 0.10 6.45
C ALA A 111 -9.67 -1.08 7.25
N ASN A 112 -8.34 -1.10 7.31
CA ASN A 112 -7.62 -2.17 8.02
C ASN A 112 -8.00 -2.14 9.50
N GLN A 113 -7.90 -0.94 10.06
CA GLN A 113 -8.21 -0.74 11.49
C GLN A 113 -9.69 -1.04 11.76
N ALA A 114 -10.61 -0.69 10.86
CA ALA A 114 -12.03 -0.96 11.01
C ALA A 114 -12.35 -2.45 10.97
N VAL A 115 -11.78 -3.16 9.98
CA VAL A 115 -12.04 -4.59 9.89
C VAL A 115 -11.62 -5.32 11.17
N ILE A 116 -10.40 -5.03 11.63
CA ILE A 116 -9.90 -5.78 12.78
C ILE A 116 -10.67 -5.44 14.04
N ALA A 117 -10.98 -4.15 14.23
CA ALA A 117 -11.69 -3.71 15.42
C ALA A 117 -13.06 -4.37 15.42
N ALA A 118 -13.68 -4.47 14.25
CA ALA A 118 -15.01 -5.06 14.18
C ALA A 118 -15.03 -6.57 14.30
N MET A 119 -13.98 -7.24 13.80
CA MET A 119 -14.14 -8.68 13.71
C MET A 119 -13.52 -9.48 14.84
N MET A 120 -12.47 -8.93 15.44
CA MET A 120 -11.66 -9.66 16.41
C MET A 120 -12.13 -9.44 17.84
N ALA A 121 -12.44 -10.51 18.56
CA ALA A 121 -12.88 -10.37 19.97
C ALA A 121 -11.80 -10.84 20.93
N LYS A 122 -11.99 -10.63 22.24
CA LYS A 122 -10.92 -11.01 23.17
C LYS A 122 -10.55 -12.49 23.09
N GLU A 123 -11.47 -13.37 22.68
CA GLU A 123 -11.12 -14.78 22.65
C GLU A 123 -10.28 -15.13 21.43
N ASP A 124 -10.19 -14.19 20.48
CA ASP A 124 -9.68 -14.61 19.16
C ASP A 124 -8.20 -14.37 19.03
N ARG A 125 -7.65 -14.80 17.89
CA ARG A 125 -6.25 -14.65 17.63
C ARG A 125 -6.03 -14.05 16.22
N ILE A 126 -5.12 -13.10 16.14
CA ILE A 126 -4.64 -12.67 14.82
C ILE A 126 -3.25 -13.22 14.55
N ALA A 127 -3.08 -13.91 13.42
CA ALA A 127 -1.69 -14.33 13.11
C ALA A 127 -1.20 -13.50 11.93
N ALA A 128 -0.24 -12.60 12.19
CA ALA A 128 0.16 -11.61 11.21
C ALA A 128 1.62 -11.73 10.85
N ASP A 129 1.91 -11.50 9.57
CA ASP A 129 3.31 -11.48 9.12
C ASP A 129 4.09 -10.47 9.94
N ARG A 130 5.32 -10.81 10.35
CA ARG A 130 6.00 -9.86 11.22
C ARG A 130 6.21 -8.49 10.55
N LEU A 131 6.20 -8.46 9.21
CA LEU A 131 6.43 -7.24 8.46
C LEU A 131 5.15 -6.57 7.97
N SER A 132 4.00 -6.96 8.48
CA SER A 132 2.72 -6.39 8.08
C SER A 132 2.73 -4.88 8.26
N HIS A 133 1.89 -4.16 7.54
CA HIS A 133 1.76 -2.71 7.69
C HIS A 133 1.43 -2.27 9.11
N ALA A 134 1.96 -1.14 9.58
CA ALA A 134 1.73 -0.67 10.94
C ALA A 134 0.24 -0.54 11.27
N SER A 135 -0.58 -0.10 10.31
CA SER A 135 -2.01 0.00 10.57
C SER A 135 -2.59 -1.34 11.03
N LEU A 136 -2.12 -2.40 10.36
CA LEU A 136 -2.57 -3.75 10.74
C LEU A 136 -2.03 -4.08 12.12
N LEU A 137 -0.70 -3.93 12.30
CA LEU A 137 -0.16 -4.33 13.59
C LEU A 137 -0.67 -3.45 14.72
N GLU A 138 -0.70 -2.14 14.54
CA GLU A 138 -1.31 -1.28 15.56
C GLU A 138 -2.69 -1.75 15.95
N ALA A 139 -3.56 -1.83 14.95
CA ALA A 139 -4.93 -2.30 15.21
C ALA A 139 -4.92 -3.66 15.90
N ALA A 140 -4.07 -4.57 15.41
CA ALA A 140 -4.08 -5.93 16.00
C ALA A 140 -3.62 -5.91 17.44
N SER A 141 -2.73 -4.97 17.74
CA SER A 141 -2.19 -4.79 19.09
C SER A 141 -3.22 -4.23 20.04
N LEU A 142 -3.92 -3.18 19.65
CA LEU A 142 -4.94 -2.56 20.49
C LEU A 142 -6.10 -3.50 20.74
N SER A 143 -6.42 -4.31 19.75
CA SER A 143 -7.46 -5.32 19.79
C SER A 143 -7.47 -6.07 21.12
N PRO A 144 -8.59 -6.47 21.70
CA PRO A 144 -8.51 -7.35 22.88
C PRO A 144 -8.03 -8.75 22.51
N SER A 145 -8.05 -9.11 21.23
CA SER A 145 -7.69 -10.45 20.79
C SER A 145 -6.19 -10.69 20.92
N GLN A 146 -5.78 -11.96 20.83
CA GLN A 146 -4.34 -12.19 20.99
C GLN A 146 -3.63 -11.98 19.66
N LEU A 147 -2.49 -11.33 19.64
CA LEU A 147 -1.72 -11.12 18.43
C LEU A 147 -0.44 -11.97 18.43
N ARG A 148 -0.30 -12.84 17.42
CA ARG A 148 0.95 -13.57 17.26
C ARG A 148 1.56 -13.22 15.90
N ARG A 149 2.86 -13.01 15.82
CA ARG A 149 3.50 -12.72 14.55
C ARG A 149 4.23 -13.95 14.03
N PHE A 150 4.13 -14.21 12.73
CA PHE A 150 4.99 -15.27 12.19
C PHE A 150 6.15 -14.61 11.47
N ALA A 151 7.29 -15.29 11.51
CA ALA A 151 8.44 -14.85 10.73
C ALA A 151 8.04 -14.62 9.27
N HIS A 152 8.65 -13.60 8.69
CA HIS A 152 8.29 -13.17 7.34
C HIS A 152 8.12 -14.30 6.36
N ASN A 153 6.90 -14.40 5.80
CA ASN A 153 6.64 -15.43 4.80
C ASN A 153 6.96 -16.85 5.26
N ASP A 154 7.01 -17.11 6.55
CA ASP A 154 7.30 -18.49 7.00
C ASP A 154 6.04 -19.26 7.31
N VAL A 155 5.60 -20.12 6.40
CA VAL A 155 4.33 -20.82 6.53
C VAL A 155 4.38 -21.97 7.54
N THR A 156 5.58 -22.49 7.75
CA THR A 156 5.82 -23.44 8.82
C THR A 156 5.55 -22.80 10.18
N HIS A 157 6.06 -21.60 10.35
CA HIS A 157 5.87 -20.85 11.59
C HIS A 157 4.40 -20.49 11.75
N LEU A 158 3.76 -20.07 10.65
CA LEU A 158 2.32 -19.79 10.67
C LEU A 158 1.52 -21.01 11.12
N ALA A 159 1.76 -22.17 10.52
CA ALA A 159 1.04 -23.38 10.88
C ALA A 159 1.17 -23.67 12.37
N ARG A 160 2.33 -23.43 12.98
CA ARG A 160 2.52 -23.67 14.41
C ARG A 160 1.70 -22.69 15.25
N LEU A 161 1.58 -21.45 14.79
CA LEU A 161 0.81 -20.47 15.56
C LEU A 161 -0.65 -20.91 15.54
N LEU A 162 -1.13 -21.31 14.38
CA LEU A 162 -2.53 -21.66 14.16
C LEU A 162 -2.91 -22.93 14.93
N ALA A 163 -1.91 -23.80 15.08
CA ALA A 163 -2.12 -25.11 15.69
C ALA A 163 -2.23 -25.02 17.21
N SER A 164 -1.73 -23.95 17.80
CA SER A 164 -1.74 -23.73 19.26
C SER A 164 -3.18 -23.58 19.73
N PRO A 165 -3.61 -24.18 20.84
CA PRO A 165 -5.00 -23.99 21.29
C PRO A 165 -5.45 -22.52 21.39
N CYS A 166 -6.64 -22.26 20.86
CA CYS A 166 -7.25 -20.95 20.75
C CYS A 166 -8.67 -20.99 21.29
N PRO A 167 -9.08 -20.15 22.24
CA PRO A 167 -10.48 -20.20 22.66
C PRO A 167 -11.48 -19.67 21.66
N GLY A 168 -11.07 -19.06 20.56
CA GLY A 168 -12.10 -18.43 19.72
C GLY A 168 -11.68 -18.66 18.27
N GLN A 169 -11.82 -17.62 17.45
CA GLN A 169 -11.52 -17.75 16.02
C GLN A 169 -10.17 -17.16 15.65
N GLN A 170 -9.62 -17.59 14.50
CA GLN A 170 -8.29 -17.10 14.10
C GLN A 170 -8.30 -16.37 12.76
N MET A 171 -7.67 -15.21 12.71
CA MET A 171 -7.64 -14.45 11.43
C MET A 171 -6.19 -14.38 10.95
N VAL A 172 -5.83 -14.87 9.78
CA VAL A 172 -4.45 -14.68 9.33
C VAL A 172 -4.34 -13.38 8.52
N VAL A 173 -3.26 -12.61 8.71
CA VAL A 173 -3.10 -11.38 7.95
C VAL A 173 -1.70 -11.26 7.34
N THR A 174 -1.73 -10.84 6.06
CA THR A 174 -0.49 -10.68 5.31
C THR A 174 -0.72 -9.65 4.20
N GLU A 175 0.31 -9.31 3.44
CA GLU A 175 0.23 -8.36 2.34
C GLU A 175 0.39 -9.03 1.01
N GLY A 176 -0.25 -8.52 -0.07
CA GLY A 176 0.04 -9.30 -1.30
C GLY A 176 1.43 -8.97 -1.81
N VAL A 177 1.80 -7.70 -1.70
CA VAL A 177 3.15 -7.24 -2.04
C VAL A 177 3.63 -6.41 -0.88
N PHE A 178 4.72 -6.80 -0.21
CA PHE A 178 5.09 -6.11 1.03
C PHE A 178 5.70 -4.76 0.78
N SER A 179 5.43 -3.87 1.71
CA SER A 179 5.78 -2.47 1.62
C SER A 179 7.27 -2.20 1.53
N MET A 180 8.03 -2.96 2.31
CA MET A 180 9.43 -2.52 2.45
C MET A 180 10.27 -3.03 1.29
N ASP A 181 10.28 -4.34 1.09
CA ASP A 181 11.08 -4.98 0.07
C ASP A 181 10.32 -5.26 -1.22
N GLY A 182 9.01 -5.03 -1.32
CA GLY A 182 8.35 -5.30 -2.60
C GLY A 182 8.22 -6.75 -2.96
N ASP A 183 8.46 -7.64 -1.99
CA ASP A 183 8.31 -9.08 -2.29
C ASP A 183 6.87 -9.55 -2.13
N SER A 184 6.58 -10.75 -2.64
CA SER A 184 5.22 -11.26 -2.61
C SER A 184 5.05 -12.29 -1.51
N ALA A 185 3.81 -12.44 -1.02
CA ALA A 185 3.60 -13.49 -0.04
C ALA A 185 3.24 -14.78 -0.74
N PRO A 186 3.52 -15.94 -0.13
CA PRO A 186 3.11 -17.22 -0.72
C PRO A 186 1.65 -17.50 -0.35
N LEU A 187 0.74 -16.81 -1.06
CA LEU A 187 -0.67 -16.86 -0.66
C LEU A 187 -1.33 -18.21 -0.75
N ALA A 188 -0.98 -19.02 -1.75
CA ALA A 188 -1.65 -20.30 -1.89
C ALA A 188 -1.28 -21.23 -0.73
N GLU A 189 -0.02 -21.25 -0.33
CA GLU A 189 0.36 -22.08 0.83
C GLU A 189 -0.19 -21.52 2.14
N ILE A 190 -0.15 -20.20 2.30
CA ILE A 190 -0.77 -19.59 3.48
C ILE A 190 -2.25 -19.88 3.56
N GLN A 191 -2.91 -19.77 2.41
CA GLN A 191 -4.33 -20.08 2.47
C GLN A 191 -4.57 -21.55 2.81
N GLN A 192 -3.74 -22.47 2.32
CA GLN A 192 -3.99 -23.88 2.65
C GLN A 192 -3.92 -24.19 4.14
N VAL A 193 -2.90 -23.63 4.80
CA VAL A 193 -2.77 -23.92 6.21
C VAL A 193 -3.80 -23.12 7.01
N THR A 194 -4.12 -21.91 6.54
CA THR A 194 -5.23 -21.24 7.24
C THR A 194 -6.49 -22.07 7.21
N GLN A 195 -6.89 -22.62 6.07
CA GLN A 195 -8.11 -23.41 5.99
C GLN A 195 -7.98 -24.70 6.82
N GLN A 196 -6.79 -25.27 6.79
CA GLN A 196 -6.52 -26.46 7.59
C GLN A 196 -6.92 -26.23 9.05
N HIS A 197 -6.66 -25.03 9.56
CA HIS A 197 -7.01 -24.69 10.95
C HIS A 197 -8.31 -23.92 11.12
N ASN A 198 -9.14 -23.94 10.09
CA ASN A 198 -10.44 -23.28 10.16
C ASN A 198 -10.30 -21.78 10.37
N GLY A 199 -9.22 -21.16 9.92
CA GLY A 199 -9.12 -19.70 10.11
C GLY A 199 -9.65 -19.01 8.87
N TRP A 200 -9.69 -17.68 8.91
CA TRP A 200 -9.97 -16.87 7.74
C TRP A 200 -8.71 -16.07 7.39
N LEU A 201 -8.60 -15.60 6.16
CA LEU A 201 -7.44 -14.90 5.69
C LEU A 201 -7.81 -13.49 5.24
N MET A 202 -7.01 -12.53 5.62
CA MET A 202 -7.14 -11.12 5.29
C MET A 202 -5.87 -10.68 4.55
N VAL A 203 -6.06 -10.24 3.30
CA VAL A 203 -4.85 -9.80 2.57
C VAL A 203 -4.96 -8.31 2.27
N ASP A 204 -3.89 -7.58 2.59
CA ASP A 204 -3.80 -6.17 2.23
C ASP A 204 -3.01 -6.06 0.92
N ASP A 205 -3.64 -5.63 -0.19
CA ASP A 205 -2.96 -5.64 -1.49
C ASP A 205 -2.68 -4.23 -2.01
N ALA A 206 -2.35 -3.32 -1.10
CA ALA A 206 -2.07 -1.94 -1.46
C ALA A 206 -1.07 -1.77 -2.60
N HIS A 207 -0.08 -2.65 -2.67
CA HIS A 207 1.05 -2.45 -3.59
C HIS A 207 0.90 -3.29 -4.84
N GLY A 208 -0.05 -4.20 -4.78
CA GLY A 208 -0.43 -5.08 -5.85
C GLY A 208 -1.61 -4.60 -6.68
N THR A 209 -2.51 -3.82 -6.07
CA THR A 209 -3.76 -3.52 -6.74
C THR A 209 -3.53 -2.52 -7.90
N GLY A 210 -4.09 -2.91 -9.03
CA GLY A 210 -3.98 -2.24 -10.32
C GLY A 210 -2.72 -2.56 -11.09
N VAL A 211 -1.68 -3.07 -10.43
CA VAL A 211 -0.35 -3.18 -11.06
C VAL A 211 0.09 -4.51 -11.62
N ILE A 212 -0.52 -5.59 -11.18
CA ILE A 212 -0.26 -6.96 -11.61
C ILE A 212 -1.55 -7.75 -11.80
N GLY A 213 -1.43 -8.87 -12.51
CA GLY A 213 -2.54 -9.75 -12.83
C GLY A 213 -3.39 -9.23 -13.98
N GLU A 214 -4.28 -10.09 -14.50
CA GLU A 214 -5.19 -9.71 -15.58
C GLU A 214 -6.07 -8.52 -15.15
N GLN A 215 -6.10 -7.50 -16.00
CA GLN A 215 -6.83 -6.25 -15.79
C GLN A 215 -6.38 -5.64 -14.46
N GLY A 216 -5.16 -5.91 -14.04
CA GLY A 216 -4.60 -5.33 -12.83
C GLY A 216 -5.30 -5.79 -11.55
N ARG A 217 -5.95 -6.95 -11.54
CA ARG A 217 -6.72 -7.36 -10.35
C ARG A 217 -5.85 -7.61 -9.11
N GLY A 218 -4.52 -7.71 -9.24
CA GLY A 218 -3.68 -7.76 -8.04
C GLY A 218 -3.16 -9.14 -7.68
N SER A 219 -2.55 -9.28 -6.49
CA SER A 219 -1.82 -10.42 -5.98
C SER A 219 -2.67 -11.67 -5.83
N CYS A 220 -3.84 -11.54 -5.20
CA CYS A 220 -4.74 -12.67 -4.99
C CYS A 220 -5.18 -13.23 -6.33
N TRP A 221 -5.63 -12.37 -7.22
CA TRP A 221 -6.11 -12.90 -8.50
C TRP A 221 -4.98 -13.63 -9.23
N LEU A 222 -3.86 -12.96 -9.36
CA LEU A 222 -2.67 -13.51 -9.99
C LEU A 222 -2.33 -14.88 -9.42
N GLN A 223 -2.51 -15.10 -8.11
CA GLN A 223 -2.09 -16.33 -7.46
C GLN A 223 -3.22 -17.32 -7.25
N LYS A 224 -4.36 -16.95 -7.80
CA LYS A 224 -5.56 -17.75 -7.82
C LYS A 224 -6.01 -18.16 -6.43
N VAL A 225 -5.92 -17.16 -5.53
CA VAL A 225 -6.42 -17.29 -4.18
C VAL A 225 -7.53 -16.26 -3.93
N LYS A 226 -8.58 -16.60 -3.21
CA LYS A 226 -9.60 -15.65 -2.77
C LYS A 226 -9.65 -15.60 -1.25
N PRO A 227 -8.96 -14.67 -0.61
CA PRO A 227 -9.03 -14.64 0.86
C PRO A 227 -10.43 -14.22 1.29
N GLU A 228 -10.80 -14.53 2.53
CA GLU A 228 -12.15 -14.09 2.93
C GLU A 228 -12.31 -12.57 2.93
N LEU A 229 -11.24 -11.86 3.29
CA LEU A 229 -11.20 -10.43 3.32
C LEU A 229 -10.08 -9.92 2.41
N LEU A 230 -10.40 -9.02 1.48
CA LEU A 230 -9.32 -8.41 0.65
C LEU A 230 -9.43 -6.92 0.86
N VAL A 231 -8.36 -6.25 1.21
CA VAL A 231 -8.37 -4.79 1.39
C VAL A 231 -7.58 -4.16 0.24
N VAL A 232 -8.19 -3.26 -0.51
CA VAL A 232 -7.42 -2.56 -1.55
C VAL A 232 -7.42 -1.07 -1.24
N THR A 233 -6.27 -0.44 -1.47
CA THR A 233 -6.24 1.01 -1.21
C THR A 233 -5.95 1.74 -2.51
N PHE A 234 -6.46 2.96 -2.63
CA PHE A 234 -6.38 3.66 -3.92
C PHE A 234 -5.37 4.79 -3.89
N GLY A 235 -4.58 4.96 -2.82
CA GLY A 235 -3.61 6.03 -2.80
C GLY A 235 -2.30 5.70 -3.48
N LYS A 236 -2.22 4.48 -4.04
CA LYS A 236 -0.93 4.10 -4.67
C LYS A 236 -1.09 4.01 -6.18
N GLY A 237 -1.06 2.81 -6.73
CA GLY A 237 -1.37 2.59 -8.13
C GLY A 237 -2.56 3.27 -8.71
N PHE A 238 -3.66 3.39 -7.96
CA PHE A 238 -4.86 4.04 -8.50
C PHE A 238 -4.65 5.52 -8.72
N GLY A 239 -3.68 6.09 -7.99
CA GLY A 239 -3.42 7.51 -8.23
C GLY A 239 -4.35 8.46 -7.55
N VAL A 240 -5.14 7.99 -6.55
CA VAL A 240 -6.11 8.88 -5.84
C VAL A 240 -5.92 8.74 -4.34
N SER A 241 -6.90 8.18 -3.64
CA SER A 241 -6.94 8.14 -2.19
C SER A 241 -8.17 7.32 -1.81
N GLY A 242 -8.26 6.74 -0.63
CA GLY A 242 -9.45 5.93 -0.33
C GLY A 242 -9.12 4.44 -0.28
N ALA A 243 -10.13 3.61 0.01
CA ALA A 243 -9.87 2.16 0.04
C ALA A 243 -11.19 1.38 -0.02
N ALA A 244 -11.10 0.07 -0.25
CA ALA A 244 -12.30 -0.78 -0.19
C ALA A 244 -11.93 -2.08 0.52
N VAL A 245 -12.93 -2.60 1.22
CA VAL A 245 -12.90 -3.93 1.76
C VAL A 245 -13.79 -4.80 0.87
N LEU A 246 -13.27 -5.89 0.34
CA LEU A 246 -13.97 -6.84 -0.51
C LEU A 246 -14.34 -8.07 0.30
N CYS A 247 -15.57 -8.58 0.22
CA CYS A 247 -15.98 -9.65 1.14
C CYS A 247 -17.30 -10.25 0.72
N SER A 248 -17.80 -11.21 1.50
CA SER A 248 -19.06 -11.87 1.21
C SER A 248 -20.26 -11.01 1.59
N SER A 249 -21.48 -11.43 1.24
CA SER A 249 -22.64 -10.61 1.62
C SER A 249 -22.82 -10.50 3.11
N THR A 250 -22.64 -11.66 3.78
CA THR A 250 -22.85 -11.58 5.23
C THR A 250 -21.72 -10.85 5.94
N VAL A 251 -20.48 -10.92 5.47
CA VAL A 251 -19.44 -10.18 6.17
C VAL A 251 -19.64 -8.69 5.94
N ALA A 252 -20.15 -8.35 4.76
CA ALA A 252 -20.43 -6.94 4.46
C ALA A 252 -21.53 -6.37 5.35
N ASP A 253 -22.59 -7.18 5.53
CA ASP A 253 -23.69 -6.76 6.42
C ASP A 253 -23.19 -6.56 7.84
N TYR A 254 -22.35 -7.50 8.29
CA TYR A 254 -21.69 -7.42 9.58
C TYR A 254 -20.92 -6.14 9.73
N LEU A 255 -20.05 -5.83 8.73
CA LEU A 255 -19.20 -4.62 8.87
C LEU A 255 -20.11 -3.42 8.88
N LEU A 256 -21.18 -3.46 8.09
CA LEU A 256 -22.10 -2.31 8.12
C LEU A 256 -22.77 -2.09 9.46
N GLN A 257 -22.83 -3.11 10.32
CA GLN A 257 -23.41 -2.99 11.64
C GLN A 257 -22.39 -2.63 12.70
N PHE A 258 -21.15 -3.11 12.54
CA PHE A 258 -20.19 -3.01 13.63
C PHE A 258 -18.94 -2.19 13.35
N ALA A 259 -18.63 -1.87 12.10
CA ALA A 259 -17.44 -1.05 11.82
C ALA A 259 -17.78 0.43 12.01
N ARG A 260 -17.25 1.03 13.07
CA ARG A 260 -17.63 2.40 13.43
C ARG A 260 -17.01 3.41 12.49
N HIS A 261 -15.86 3.12 11.87
CA HIS A 261 -15.36 4.04 10.85
C HIS A 261 -16.41 4.23 9.76
N LEU A 262 -17.15 3.15 9.51
CA LEU A 262 -18.19 3.13 8.48
C LEU A 262 -19.46 3.87 8.86
N ILE A 263 -19.87 3.67 10.11
CA ILE A 263 -21.14 4.20 10.59
C ILE A 263 -21.11 5.66 10.97
N TYR A 264 -20.01 6.11 11.56
CA TYR A 264 -19.86 7.42 12.18
C TYR A 264 -18.81 8.29 11.47
N SER A 265 -18.49 8.02 10.21
CA SER A 265 -17.53 8.90 9.50
C SER A 265 -18.21 9.39 8.21
N THR A 266 -17.98 10.65 7.84
CA THR A 266 -18.40 11.24 6.57
C THR A 266 -17.91 10.44 5.38
N SER A 267 -18.77 10.17 4.40
CA SER A 267 -18.34 9.36 3.27
C SER A 267 -17.46 10.20 2.38
N MET A 268 -16.72 9.63 1.44
CA MET A 268 -15.89 10.48 0.59
C MET A 268 -16.74 11.34 -0.36
N PRO A 269 -16.21 12.49 -0.79
CA PRO A 269 -16.93 13.26 -1.82
C PRO A 269 -17.30 12.37 -2.99
N PRO A 270 -18.55 12.42 -3.41
CA PRO A 270 -18.93 11.69 -4.63
C PRO A 270 -18.00 11.99 -5.80
N ALA A 271 -17.40 13.15 -5.96
CA ALA A 271 -16.51 13.44 -7.07
C ALA A 271 -15.18 12.68 -6.93
N GLN A 272 -14.76 12.41 -5.69
CA GLN A 272 -13.66 11.46 -5.48
C GLN A 272 -14.02 10.08 -5.99
N ALA A 273 -15.24 9.63 -5.68
CA ALA A 273 -15.71 8.33 -6.13
C ALA A 273 -15.74 8.25 -7.66
N GLN A 274 -16.13 9.31 -8.33
CA GLN A 274 -16.13 9.29 -9.81
C GLN A 274 -14.72 9.18 -10.35
N ALA A 275 -13.78 9.90 -9.76
CA ALA A 275 -12.38 9.74 -10.22
C ALA A 275 -11.89 8.32 -10.03
N LEU A 276 -12.28 7.67 -8.92
CA LEU A 276 -11.90 6.28 -8.66
C LEU A 276 -12.51 5.33 -9.68
N ARG A 277 -13.78 5.60 -10.07
CA ARG A 277 -14.37 4.77 -11.13
C ARG A 277 -13.59 4.95 -12.44
N ALA A 278 -13.18 6.19 -12.71
CA ALA A 278 -12.43 6.50 -13.93
C ALA A 278 -11.07 5.78 -13.91
N SER A 279 -10.48 5.79 -12.71
CA SER A 279 -9.17 5.16 -12.53
C SER A 279 -9.28 3.68 -12.75
N LEU A 280 -10.30 3.10 -12.13
CA LEU A 280 -10.56 1.69 -12.34
C LEU A 280 -10.75 1.40 -13.82
N ALA A 281 -11.52 2.21 -14.54
CA ALA A 281 -11.72 1.96 -15.99
C ALA A 281 -10.41 2.01 -16.77
N VAL A 282 -9.48 2.90 -16.50
CA VAL A 282 -8.15 2.91 -17.10
C VAL A 282 -7.38 1.65 -16.78
N ILE A 283 -7.41 1.31 -15.48
CA ILE A 283 -6.66 0.12 -15.05
C ILE A 283 -7.12 -1.13 -15.79
N ARG A 284 -8.43 -1.23 -16.00
CA ARG A 284 -8.90 -2.49 -16.59
C ARG A 284 -8.73 -2.51 -18.10
N SER A 285 -8.31 -1.38 -18.68
CA SER A 285 -8.38 -1.24 -20.15
C SER A 285 -7.10 -1.65 -20.86
N ASP A 286 -7.03 -1.60 -22.20
CA ASP A 286 -5.78 -1.89 -22.89
C ASP A 286 -4.66 -0.92 -22.49
N GLU A 287 -5.04 0.32 -22.18
CA GLU A 287 -4.07 1.31 -21.72
C GLU A 287 -3.49 0.90 -20.35
N GLY A 288 -4.33 0.31 -19.51
CA GLY A 288 -3.92 -0.28 -18.23
C GLY A 288 -2.86 -1.36 -18.45
N ASP A 289 -3.11 -2.24 -19.42
CA ASP A 289 -2.13 -3.27 -19.78
C ASP A 289 -0.87 -2.61 -20.31
N ALA A 290 -1.06 -1.57 -21.14
CA ALA A 290 0.18 -0.95 -21.66
C ALA A 290 0.98 -0.33 -20.53
N ARG A 291 0.31 0.25 -19.55
CA ARG A 291 1.05 0.90 -18.44
C ARG A 291 1.74 -0.13 -17.56
N ARG A 292 1.07 -1.25 -17.28
CA ARG A 292 1.71 -2.32 -16.50
C ARG A 292 2.90 -2.91 -17.24
N GLU A 293 2.77 -3.06 -18.55
CA GLU A 293 3.95 -3.63 -19.26
C GLU A 293 5.10 -2.64 -19.32
N LYS A 294 4.77 -1.35 -19.47
CA LYS A 294 5.85 -0.36 -19.44
C LYS A 294 6.56 -0.34 -18.09
N LEU A 295 5.78 -0.39 -17.01
CA LEU A 295 6.40 -0.51 -15.68
C LEU A 295 7.31 -1.76 -15.63
N ALA A 296 6.85 -2.88 -16.13
CA ALA A 296 7.68 -4.09 -16.04
C ALA A 296 8.96 -3.90 -16.83
N ALA A 297 8.83 -3.25 -18.01
CA ALA A 297 10.05 -2.94 -18.78
C ALA A 297 11.04 -2.05 -18.06
N LEU A 298 10.58 -1.00 -17.38
CA LEU A 298 11.46 -0.12 -16.62
C LEU A 298 12.12 -0.86 -15.46
N ILE A 299 11.38 -1.78 -14.83
CA ILE A 299 11.96 -2.54 -13.71
C ILE A 299 13.09 -3.45 -14.22
N THR A 300 12.85 -4.10 -15.34
CA THR A 300 13.86 -4.94 -16.00
C THR A 300 15.08 -4.12 -16.33
N ARG A 301 14.82 -2.88 -16.80
CA ARG A 301 15.99 -2.07 -17.21
C ARG A 301 16.82 -1.69 -16.02
N PHE A 302 16.09 -1.35 -14.95
CA PHE A 302 16.71 -0.98 -13.69
C PHE A 302 17.49 -2.15 -13.10
N ARG A 303 16.85 -3.32 -12.99
CA ARG A 303 17.56 -4.42 -12.31
C ARG A 303 18.75 -4.88 -13.12
N ALA A 304 18.62 -4.84 -14.45
CA ALA A 304 19.80 -5.21 -15.24
C ALA A 304 20.97 -4.27 -15.00
N GLY A 305 20.68 -2.97 -14.78
CA GLY A 305 21.78 -2.01 -14.78
C GLY A 305 22.51 -2.04 -13.46
N VAL A 306 21.81 -2.52 -12.43
CA VAL A 306 22.42 -2.63 -11.13
C VAL A 306 23.36 -3.84 -11.09
N GLN A 307 23.21 -4.74 -12.05
CA GLN A 307 24.11 -5.92 -12.02
C GLN A 307 25.59 -5.53 -12.01
N ASP A 308 26.00 -4.43 -12.60
CA ASP A 308 27.36 -3.95 -12.68
C ASP A 308 27.77 -3.04 -11.53
N LEU A 309 26.87 -2.82 -10.58
CA LEU A 309 27.02 -1.81 -9.53
C LEU A 309 27.35 -2.46 -8.20
N PRO A 310 28.07 -1.67 -7.41
CA PRO A 310 28.42 -2.12 -6.06
C PRO A 310 27.23 -2.03 -5.11
N PHE A 311 26.07 -2.55 -5.49
CA PHE A 311 24.91 -2.65 -4.62
C PHE A 311 24.21 -3.98 -4.78
N THR A 312 23.20 -4.23 -3.95
CA THR A 312 22.40 -5.44 -4.10
C THR A 312 20.89 -5.17 -4.11
N LEU A 313 20.15 -5.98 -4.85
CA LEU A 313 18.74 -5.82 -5.07
C LEU A 313 17.89 -6.65 -4.11
N ALA A 314 16.57 -6.46 -4.17
CA ALA A 314 15.71 -7.33 -3.36
C ALA A 314 15.11 -8.38 -4.27
N ASP A 315 14.49 -9.38 -3.65
CA ASP A 315 13.65 -10.30 -4.39
C ASP A 315 12.35 -9.60 -4.76
N SER A 316 12.42 -8.53 -5.56
CA SER A 316 11.21 -7.80 -5.93
C SER A 316 11.01 -7.77 -7.43
N CYS A 317 9.80 -8.10 -7.86
CA CYS A 317 9.46 -7.88 -9.26
C CYS A 317 8.51 -6.70 -9.41
N SER A 318 8.29 -5.92 -8.34
CA SER A 318 7.32 -4.84 -8.41
C SER A 318 7.96 -3.45 -8.48
N ALA A 319 7.12 -2.42 -8.37
CA ALA A 319 7.55 -1.04 -8.47
C ALA A 319 8.47 -0.66 -7.33
N ILE A 320 8.40 -1.47 -6.27
CA ILE A 320 9.27 -1.18 -5.11
C ILE A 320 10.61 -1.87 -5.33
N GLN A 321 11.70 -1.12 -5.38
CA GLN A 321 12.99 -1.65 -5.77
C GLN A 321 14.03 -1.19 -4.75
N PRO A 322 14.22 -2.01 -3.73
CA PRO A 322 15.25 -1.70 -2.74
C PRO A 322 16.62 -1.77 -3.41
N LEU A 323 17.48 -0.81 -3.10
CA LEU A 323 18.86 -0.92 -3.55
C LEU A 323 19.69 -0.99 -2.27
N ILE A 324 20.22 -2.17 -2.00
CA ILE A 324 20.91 -2.30 -0.70
C ILE A 324 22.38 -1.90 -0.85
N VAL A 325 22.66 -1.00 0.06
CA VAL A 325 23.87 -0.22 0.17
C VAL A 325 24.80 -0.71 1.28
N GLY A 326 24.20 -0.97 2.44
CA GLY A 326 24.83 -1.53 3.61
C GLY A 326 24.86 -0.60 4.80
N ASP A 327 25.86 0.29 4.76
CA ASP A 327 26.09 1.23 5.84
C ASP A 327 25.23 2.48 5.71
N ASN A 328 24.80 2.94 6.88
CA ASN A 328 23.97 4.12 7.02
C ASN A 328 24.70 5.36 6.56
N SER A 329 26.01 5.51 6.80
CA SER A 329 26.53 6.76 6.23
C SER A 329 26.58 6.69 4.72
N ARG A 330 26.94 5.53 4.14
CA ARG A 330 27.03 5.47 2.68
C ARG A 330 25.66 5.69 2.05
N ALA A 331 24.63 5.11 2.67
CA ALA A 331 23.28 5.25 2.16
C ALA A 331 22.86 6.72 2.17
N LEU A 332 23.10 7.43 3.28
CA LEU A 332 22.73 8.84 3.32
C LEU A 332 23.50 9.68 2.31
N GLN A 333 24.79 9.41 2.16
CA GLN A 333 25.65 10.08 1.20
C GLN A 333 25.07 9.96 -0.22
N LEU A 334 24.91 8.73 -0.65
CA LEU A 334 24.30 8.34 -1.89
C LEU A 334 23.01 9.11 -2.16
N ALA A 335 22.08 9.03 -1.21
CA ALA A 335 20.83 9.76 -1.46
C ALA A 335 21.08 11.26 -1.59
N GLU A 336 22.07 11.77 -0.86
CA GLU A 336 22.27 13.22 -0.95
C GLU A 336 22.92 13.59 -2.28
N LYS A 337 23.87 12.75 -2.71
CA LYS A 337 24.47 12.92 -4.02
C LYS A 337 23.41 12.79 -5.11
N LEU A 338 22.52 11.81 -4.98
CA LEU A 338 21.51 11.68 -6.02
C LEU A 338 20.71 12.97 -6.12
N ARG A 339 20.42 13.57 -4.96
CA ARG A 339 19.51 14.70 -4.93
C ARG A 339 20.16 15.89 -5.63
N GLN A 340 21.45 16.08 -5.33
CA GLN A 340 22.22 17.15 -5.96
C GLN A 340 22.22 16.96 -7.46
N GLN A 341 22.10 15.70 -7.91
CA GLN A 341 22.16 15.40 -9.33
C GLN A 341 20.78 15.25 -9.96
N GLY A 342 19.72 15.71 -9.29
CA GLY A 342 18.40 15.76 -9.89
C GLY A 342 17.56 14.51 -9.79
N CYS A 343 17.92 13.62 -8.86
CA CYS A 343 17.20 12.37 -8.64
C CYS A 343 16.75 12.33 -7.18
N TRP A 344 15.42 12.36 -7.01
CA TRP A 344 14.91 12.43 -5.64
C TRP A 344 14.67 11.00 -5.13
N VAL A 345 15.47 10.59 -4.15
CA VAL A 345 15.33 9.27 -3.55
C VAL A 345 15.27 9.41 -2.03
N THR A 346 14.85 8.30 -1.44
CA THR A 346 14.60 8.18 0.00
C THR A 346 15.52 7.11 0.56
N GLY A 347 16.33 7.39 1.56
CA GLY A 347 17.16 6.35 2.19
C GLY A 347 16.45 5.75 3.38
N ILE A 348 16.56 4.44 3.60
CA ILE A 348 16.05 3.72 4.75
C ILE A 348 17.23 3.05 5.48
N ARG A 349 17.40 3.50 6.72
CA ARG A 349 18.55 3.09 7.53
C ARG A 349 18.17 2.60 8.91
N PRO A 350 19.11 2.01 9.64
CA PRO A 350 18.80 1.66 11.04
C PRO A 350 18.40 2.95 11.75
N PRO A 351 17.55 2.80 12.75
CA PRO A 351 17.10 1.49 13.20
C PRO A 351 15.91 0.91 12.44
N THR A 352 15.31 1.60 11.48
CA THR A 352 14.13 1.07 10.80
C THR A 352 14.39 -0.32 10.22
N VAL A 353 15.63 -0.49 9.79
CA VAL A 353 16.14 -1.78 9.32
C VAL A 353 17.39 -2.08 10.12
N PRO A 354 17.80 -3.34 10.22
CA PRO A 354 18.87 -3.75 11.11
C PRO A 354 20.27 -3.35 10.62
N ALA A 355 21.11 -3.05 11.57
CA ALA A 355 22.51 -2.69 11.62
C ALA A 355 23.12 -2.32 10.28
N GLY A 356 23.34 -3.30 9.41
CA GLY A 356 24.12 -3.09 8.20
C GLY A 356 23.35 -3.32 6.93
N ILE A 357 22.13 -2.78 6.92
CA ILE A 357 21.31 -3.04 5.74
C ILE A 357 20.69 -1.76 5.19
N ALA A 358 21.32 -0.61 5.46
CA ALA A 358 20.79 0.67 4.99
C ALA A 358 20.51 0.62 3.49
N ARG A 359 19.56 1.42 2.99
CA ARG A 359 19.17 1.28 1.59
C ARG A 359 18.46 2.47 0.99
N LEU A 360 18.39 2.53 -0.35
CA LEU A 360 17.46 3.48 -0.95
C LEU A 360 16.19 2.65 -1.23
N ARG A 361 15.03 3.14 -0.81
CA ARG A 361 13.84 2.38 -1.24
C ARG A 361 13.30 3.14 -2.45
N LEU A 362 13.72 2.67 -3.62
CA LEU A 362 13.32 3.36 -4.84
C LEU A 362 11.93 2.90 -5.26
N THR A 363 11.11 3.77 -5.85
CA THR A 363 9.86 3.33 -6.46
C THR A 363 9.85 3.80 -7.92
N LEU A 364 9.60 2.90 -8.83
CA LEU A 364 9.46 3.25 -10.25
C LEU A 364 8.00 3.41 -10.62
N THR A 365 7.68 4.11 -11.72
CA THR A 365 6.30 4.25 -12.13
C THR A 365 6.19 4.20 -13.66
N ALA A 366 4.97 3.89 -14.11
CA ALA A 366 4.75 3.80 -15.55
C ALA A 366 4.82 5.17 -16.23
N ALA A 367 4.85 6.23 -15.41
CA ALA A 367 5.04 7.58 -15.94
C ALA A 367 6.52 7.80 -16.24
N HIS A 368 7.42 6.96 -15.70
CA HIS A 368 8.82 7.25 -16.02
C HIS A 368 9.20 6.87 -17.44
N GLU A 369 10.37 7.32 -17.93
CA GLU A 369 10.81 6.85 -19.26
C GLU A 369 12.13 6.10 -19.20
N MET A 370 12.55 5.39 -20.24
CA MET A 370 13.79 4.61 -20.10
C MET A 370 15.00 5.51 -19.82
N GLN A 371 14.95 6.73 -20.37
CA GLN A 371 16.11 7.59 -20.14
C GLN A 371 16.17 8.02 -18.70
N ASP A 372 15.07 7.94 -17.94
CA ASP A 372 15.08 8.29 -16.53
C ASP A 372 15.81 7.21 -15.72
N ILE A 373 15.49 5.96 -16.04
CA ILE A 373 16.24 4.84 -15.46
C ILE A 373 17.71 4.97 -15.81
N ASP A 374 17.99 5.25 -17.09
CA ASP A 374 19.42 5.44 -17.43
C ASP A 374 20.09 6.57 -16.67
N ARG A 375 19.38 7.65 -16.35
CA ARG A 375 19.98 8.77 -15.61
C ARG A 375 20.30 8.35 -14.18
N LEU A 376 19.35 7.66 -13.54
CA LEU A 376 19.53 7.10 -12.19
C LEU A 376 20.75 6.18 -12.19
N LEU A 377 20.81 5.29 -13.19
CA LEU A 377 21.92 4.32 -13.23
C LEU A 377 23.25 5.04 -13.38
N GLU A 378 23.26 6.07 -14.24
CA GLU A 378 24.48 6.87 -14.43
C GLU A 378 24.94 7.55 -13.16
N VAL A 379 24.01 8.15 -12.42
CA VAL A 379 24.41 8.77 -11.16
C VAL A 379 24.81 7.75 -10.10
N LEU A 380 24.17 6.59 -10.03
CA LEU A 380 24.59 5.54 -9.11
C LEU A 380 26.03 5.11 -9.40
N HIS A 381 26.40 5.10 -10.66
CA HIS A 381 27.71 4.71 -11.16
C HIS A 381 28.80 5.66 -10.67
N GLY A 382 28.57 6.94 -10.95
CA GLY A 382 29.45 8.05 -10.66
C GLY A 382 29.58 9.02 -11.83
N ASN A 383 29.65 10.31 -11.53
CA ASN A 383 29.78 11.37 -12.52
C ASN A 383 29.86 12.73 -11.83
N GLY A 384 29.07 12.92 -10.78
CA GLY A 384 29.08 14.17 -10.03
C GLY A 384 28.95 13.92 -8.54
#